data_1V2X
#
_entry.id   1V2X
#
_cell.length_a   77.601
_cell.length_b   44.023
_cell.length_c   56.756
_cell.angle_alpha   90.00
_cell.angle_beta   120.78
_cell.angle_gamma   90.00
#
_symmetry.space_group_name_H-M   'C 1 2 1'
#
loop_
_entity.id
_entity.type
_entity.pdbx_description
1 polymer 'tRNA (Gm18) methyltransferase'
2 non-polymer 'PHOSPHATE ION'
3 non-polymer S-ADENOSYLMETHIONINE
4 water water
#
_entity_poly.entity_id   1
_entity_poly.type   'polypeptide(L)'
_entity_poly.pdbx_seq_one_letter_code
;MRERTEARRRRIEEVLRRRQPDLTVLLENVHKPHNLSAILRTCDAVGVLEAHAVNPTGGVPTFNETSGGSHKWVYLRVHP
DLHEAFRFLKERGFTVYATALREDARDFREVDYTKPTAVLFGAEKWGVSEEALALADGAIKIPMLGMVQSLNVSVAAAVI
LFEAQRQRLKAGLYDRPRLDPELYQKVLADWLRK
;
_entity_poly.pdbx_strand_id   A
#
loop_
_chem_comp.id
_chem_comp.type
_chem_comp.name
_chem_comp.formula
PO4 non-polymer 'PHOSPHATE ION' 'O4 P -3'
SAM non-polymer S-ADENOSYLMETHIONINE 'C15 H22 N6 O5 S'
#
# COMPACT_ATOMS: atom_id res chain seq x y z
N MET A 1 29.32 -2.13 20.68
CA MET A 1 29.74 -1.99 19.25
C MET A 1 28.97 -2.92 18.32
N ARG A 2 28.85 -4.19 18.70
CA ARG A 2 28.14 -5.13 17.85
C ARG A 2 26.64 -5.01 18.12
N GLU A 3 26.29 -4.44 19.27
CA GLU A 3 24.88 -4.25 19.59
C GLU A 3 24.37 -3.15 18.65
N ARG A 4 25.27 -2.20 18.40
CA ARG A 4 25.02 -1.06 17.53
C ARG A 4 25.03 -1.46 16.06
N THR A 5 25.88 -2.41 15.72
CA THR A 5 26.01 -2.83 14.33
C THR A 5 25.42 -4.23 14.08
N GLU A 6 25.90 -5.22 14.83
CA GLU A 6 25.42 -6.59 14.66
C GLU A 6 23.91 -6.70 14.81
N ALA A 7 23.31 -5.79 15.55
CA ALA A 7 21.87 -5.88 15.75
C ALA A 7 21.06 -4.89 14.92
N ARG A 8 20.87 -3.69 15.46
CA ARG A 8 20.10 -2.65 14.81
C ARG A 8 20.47 -2.56 13.32
N ARG A 9 21.75 -2.32 13.06
CA ARG A 9 22.28 -2.19 11.72
C ARG A 9 21.88 -3.34 10.78
N ARG A 10 22.18 -4.56 11.19
CA ARG A 10 21.89 -5.77 10.40
C ARG A 10 20.41 -6.06 10.20
N ARG A 11 19.60 -5.96 11.26
CA ARG A 11 18.17 -6.23 11.09
C ARG A 11 17.49 -5.19 10.19
N ILE A 12 17.87 -3.92 10.32
CA ILE A 12 17.27 -2.88 9.49
C ILE A 12 17.58 -3.08 8.00
N GLU A 13 18.80 -3.50 7.69
CA GLU A 13 19.16 -3.66 6.29
C GLU A 13 18.46 -4.89 5.80
N GLU A 14 18.36 -5.90 6.64
CA GLU A 14 17.68 -7.13 6.23
C GLU A 14 16.28 -6.80 5.73
N VAL A 15 15.58 -5.95 6.47
CA VAL A 15 14.25 -5.53 6.11
C VAL A 15 14.24 -4.59 4.89
N LEU A 16 15.24 -3.71 4.81
CA LEU A 16 15.31 -2.78 3.70
C LEU A 16 15.48 -3.57 2.41
N ARG A 17 16.14 -4.71 2.52
CA ARG A 17 16.41 -5.58 1.37
C ARG A 17 15.16 -6.28 0.83
N ARG A 18 14.07 -6.24 1.60
CA ARG A 18 12.82 -6.83 1.14
C ARG A 18 11.84 -5.73 0.70
N ARG A 19 12.22 -4.46 0.75
CA ARG A 19 11.29 -3.41 0.35
C ARG A 19 10.99 -3.44 -1.15
N GLN A 20 9.71 -3.28 -1.50
CA GLN A 20 9.25 -3.34 -2.89
C GLN A 20 8.94 -1.91 -3.36
N PRO A 21 9.74 -1.35 -4.27
CA PRO A 21 9.46 0.01 -4.71
C PRO A 21 8.29 0.06 -5.71
N ASP A 22 7.88 -1.11 -6.21
CA ASP A 22 6.82 -1.15 -7.18
C ASP A 22 5.54 -1.85 -6.71
N LEU A 23 5.21 -1.73 -5.41
CA LEU A 23 3.96 -2.28 -4.88
C LEU A 23 3.52 -1.18 -3.91
N THR A 24 2.31 -0.68 -4.10
CA THR A 24 1.86 0.39 -3.22
C THR A 24 0.34 0.46 -3.16
N VAL A 25 -0.19 1.39 -2.35
CA VAL A 25 -1.59 1.61 -2.24
C VAL A 25 -1.86 3.12 -2.40
N LEU A 26 -3.04 3.43 -2.91
CA LEU A 26 -3.49 4.83 -3.00
C LEU A 26 -4.75 4.90 -2.14
N LEU A 27 -4.71 5.71 -1.07
CA LEU A 27 -5.84 5.83 -0.17
C LEU A 27 -6.62 7.12 -0.49
N GLU A 28 -7.87 7.00 -0.92
CA GLU A 28 -8.67 8.16 -1.28
C GLU A 28 -9.63 8.49 -0.15
N ASN A 29 -9.43 9.63 0.50
CA ASN A 29 -10.33 9.99 1.55
C ASN A 29 -10.54 8.99 2.68
N VAL A 30 -9.48 8.34 3.13
CA VAL A 30 -9.66 7.42 4.23
C VAL A 30 -9.59 8.32 5.43
N HIS A 31 -10.74 8.39 6.12
CA HIS A 31 -10.96 9.30 7.26
C HIS A 31 -10.51 8.93 8.66
N LYS A 32 -10.58 7.65 9.03
CA LYS A 32 -10.25 7.24 10.38
C LYS A 32 -8.80 6.95 10.66
N PRO A 33 -8.22 7.63 11.66
CA PRO A 33 -6.80 7.39 11.98
C PRO A 33 -6.54 5.90 12.22
N HIS A 34 -7.49 5.17 12.83
CA HIS A 34 -7.19 3.75 13.05
C HIS A 34 -7.07 2.98 11.73
N ASN A 35 -7.77 3.38 10.69
CA ASN A 35 -7.65 2.69 9.39
C ASN A 35 -6.35 3.07 8.72
N LEU A 36 -6.02 4.36 8.77
CA LEU A 36 -4.76 4.79 8.15
C LEU A 36 -3.58 4.10 8.83
N SER A 37 -3.58 4.07 10.17
CA SER A 37 -2.50 3.46 10.90
C SER A 37 -2.44 1.97 10.61
N ALA A 38 -3.58 1.28 10.65
CA ALA A 38 -3.55 -0.18 10.37
C ALA A 38 -3.11 -0.51 8.95
N ILE A 39 -3.49 0.34 8.00
CA ILE A 39 -3.11 0.07 6.58
C ILE A 39 -1.59 0.28 6.40
N LEU A 40 -1.04 1.32 7.01
CA LEU A 40 0.42 1.48 6.90
C LEU A 40 1.17 0.31 7.60
N ARG A 41 0.64 -0.22 8.72
CA ARG A 41 1.26 -1.34 9.41
C ARG A 41 1.24 -2.58 8.44
N THR A 42 0.11 -2.75 7.75
CA THR A 42 -0.01 -3.83 6.76
C THR A 42 0.99 -3.56 5.62
N CYS A 43 1.10 -2.32 5.17
CA CYS A 43 2.08 -1.99 4.10
C CYS A 43 3.47 -2.42 4.56
N ASP A 44 3.85 -2.07 5.78
CA ASP A 44 5.18 -2.46 6.28
C ASP A 44 5.37 -3.99 6.23
N ALA A 45 4.37 -4.72 6.70
CA ALA A 45 4.43 -6.18 6.74
C ALA A 45 4.64 -6.85 5.38
N VAL A 46 4.17 -6.23 4.30
CA VAL A 46 4.33 -6.83 2.96
C VAL A 46 5.45 -6.18 2.17
N GLY A 47 6.16 -5.26 2.81
CA GLY A 47 7.32 -4.62 2.18
C GLY A 47 7.06 -3.41 1.32
N VAL A 48 5.90 -2.78 1.45
CA VAL A 48 5.63 -1.58 0.69
C VAL A 48 6.60 -0.48 1.20
N LEU A 49 7.29 0.18 0.28
CA LEU A 49 8.25 1.24 0.60
C LEU A 49 7.53 2.56 0.92
N GLU A 50 6.65 2.95 0.02
CA GLU A 50 5.94 4.23 0.21
C GLU A 50 4.49 4.06 -0.21
N ALA A 51 3.58 4.62 0.58
CA ALA A 51 2.14 4.57 0.29
C ALA A 51 1.73 5.99 -0.15
N HIS A 52 0.55 6.11 -0.76
CA HIS A 52 0.04 7.38 -1.26
C HIS A 52 -1.35 7.68 -0.75
N ALA A 53 -1.66 8.98 -0.64
CA ALA A 53 -2.98 9.35 -0.19
C ALA A 53 -3.43 10.71 -0.69
N VAL A 54 -4.75 10.85 -0.78
CA VAL A 54 -5.36 12.13 -1.11
C VAL A 54 -6.33 12.36 0.06
N ASN A 55 -6.17 13.48 0.73
CA ASN A 55 -7.05 13.82 1.83
C ASN A 55 -7.11 12.79 2.96
N PRO A 56 -5.94 12.37 3.46
CA PRO A 56 -5.99 11.38 4.56
C PRO A 56 -6.43 11.99 5.88
N THR A 57 -7.29 11.25 6.58
CA THR A 57 -7.71 11.63 7.93
C THR A 57 -7.90 13.13 8.11
N GLY A 58 -8.77 13.72 7.30
CA GLY A 58 -9.07 15.14 7.41
C GLY A 58 -8.24 16.10 6.59
N GLY A 59 -7.11 15.61 6.05
CA GLY A 59 -6.23 16.45 5.27
C GLY A 59 -4.78 16.23 5.67
N VAL A 60 -4.52 16.07 6.96
CA VAL A 60 -3.17 15.84 7.46
C VAL A 60 -3.11 14.41 8.01
N PRO A 61 -2.08 13.63 7.65
CA PRO A 61 -1.94 12.26 8.14
C PRO A 61 -2.01 12.25 9.65
N THR A 62 -2.95 11.49 10.19
CA THR A 62 -3.09 11.40 11.62
C THR A 62 -3.16 9.95 11.99
N PHE A 63 -2.27 9.54 12.90
CA PHE A 63 -2.19 8.15 13.36
C PHE A 63 -2.62 8.03 14.82
N ASN A 64 -2.89 6.82 15.28
CA ASN A 64 -3.26 6.67 16.68
C ASN A 64 -3.32 5.22 17.08
N GLU A 65 -4.23 4.51 16.43
CA GLU A 65 -4.45 3.10 16.70
C GLU A 65 -3.23 2.23 16.42
N THR A 66 -3.28 1.41 15.38
CA THR A 66 -2.11 0.58 15.12
C THR A 66 -0.96 1.50 14.85
N SER A 67 0.12 0.86 14.44
CA SER A 67 1.37 1.50 14.14
C SER A 67 2.34 0.96 15.17
N GLY A 68 3.16 -0.01 14.76
CA GLY A 68 4.20 -0.48 15.64
C GLY A 68 5.10 0.69 15.30
N GLY A 69 4.46 1.86 15.33
CA GLY A 69 5.10 3.10 14.97
C GLY A 69 5.36 2.86 13.50
N SER A 70 4.44 2.14 12.84
CA SER A 70 4.56 1.82 11.41
C SER A 70 4.79 3.07 10.58
N HIS A 71 4.21 4.20 10.98
CA HIS A 71 4.45 5.40 10.17
C HIS A 71 5.90 5.86 10.29
N LYS A 72 6.64 5.24 11.22
CA LYS A 72 8.06 5.53 11.36
C LYS A 72 8.80 4.90 10.18
N TRP A 73 8.23 3.82 9.63
CA TRP A 73 8.92 3.07 8.57
C TRP A 73 8.37 3.11 7.15
N VAL A 74 7.09 3.39 7.01
CA VAL A 74 6.50 3.42 5.68
C VAL A 74 6.29 4.86 5.29
N TYR A 75 6.90 5.28 4.20
CA TYR A 75 6.74 6.66 3.72
C TYR A 75 5.31 6.88 3.24
N LEU A 76 4.72 8.06 3.52
CA LEU A 76 3.38 8.37 3.07
C LEU A 76 3.39 9.67 2.28
N ARG A 77 3.14 9.58 0.97
CA ARG A 77 3.13 10.74 0.11
C ARG A 77 1.70 11.22 -0.07
N VAL A 78 1.44 12.47 0.29
CA VAL A 78 0.11 12.99 0.15
C VAL A 78 0.06 13.84 -1.12
N HIS A 79 -0.97 13.64 -1.92
CA HIS A 79 -1.05 14.38 -3.17
C HIS A 79 -2.13 15.44 -3.09
N PRO A 80 -1.98 16.56 -3.84
CA PRO A 80 -2.98 17.65 -3.81
C PRO A 80 -4.38 17.22 -4.23
N ASP A 81 -4.45 16.29 -5.18
CA ASP A 81 -5.71 15.79 -5.64
C ASP A 81 -5.48 14.45 -6.35
N LEU A 82 -6.56 13.80 -6.71
CA LEU A 82 -6.54 12.49 -7.37
C LEU A 82 -5.78 12.44 -8.70
N HIS A 83 -5.93 13.47 -9.55
CA HIS A 83 -5.23 13.48 -10.83
C HIS A 83 -3.74 13.53 -10.65
N GLU A 84 -3.25 14.26 -9.67
CA GLU A 84 -1.81 14.33 -9.44
C GLU A 84 -1.27 12.99 -8.93
N ALA A 85 -2.04 12.33 -8.05
CA ALA A 85 -1.61 11.04 -7.50
C ALA A 85 -1.52 10.08 -8.68
N PHE A 86 -2.51 10.11 -9.56
CA PHE A 86 -2.47 9.19 -10.72
C PHE A 86 -1.33 9.54 -11.65
N ARG A 87 -1.14 10.83 -11.91
CA ARG A 87 -0.05 11.22 -12.78
C ARG A 87 1.26 10.68 -12.17
N PHE A 88 1.47 10.91 -10.88
CA PHE A 88 2.65 10.43 -10.19
C PHE A 88 2.85 8.91 -10.38
N LEU A 89 1.82 8.11 -10.12
CA LEU A 89 1.98 6.64 -10.26
C LEU A 89 2.14 6.13 -11.69
N LYS A 90 1.36 6.66 -12.63
CA LYS A 90 1.43 6.24 -14.04
C LYS A 90 2.78 6.57 -14.66
N GLU A 91 3.34 7.72 -14.32
CA GLU A 91 4.64 8.11 -14.88
C GLU A 91 5.75 7.18 -14.42
N ARG A 92 5.50 6.50 -13.30
CA ARG A 92 6.42 5.58 -12.70
C ARG A 92 6.16 4.13 -13.07
N GLY A 93 5.30 3.91 -14.05
CA GLY A 93 5.04 2.56 -14.51
C GLY A 93 4.04 1.69 -13.79
N PHE A 94 3.33 2.25 -12.82
CA PHE A 94 2.32 1.48 -12.09
C PHE A 94 1.01 1.25 -12.86
N THR A 95 0.38 0.09 -12.64
CA THR A 95 -0.94 -0.19 -13.17
C THR A 95 -1.72 0.07 -11.90
N VAL A 96 -2.82 0.80 -12.00
CA VAL A 96 -3.57 1.17 -10.81
C VAL A 96 -4.95 0.56 -10.82
N TYR A 97 -5.27 -0.28 -9.84
CA TYR A 97 -6.60 -0.88 -9.81
C TYR A 97 -7.41 -0.25 -8.71
N ALA A 98 -8.67 0.04 -8.98
CA ALA A 98 -9.54 0.63 -7.97
C ALA A 98 -10.23 -0.57 -7.37
N THR A 99 -10.62 -0.48 -6.11
CA THR A 99 -11.33 -1.57 -5.47
C THR A 99 -12.77 -1.11 -5.53
N ALA A 100 -13.64 -2.02 -5.93
CA ALA A 100 -15.04 -1.64 -6.03
C ALA A 100 -15.94 -2.75 -5.56
N LEU A 101 -17.12 -2.36 -5.09
CA LEU A 101 -18.09 -3.32 -4.59
C LEU A 101 -19.06 -3.75 -5.69
N ARG A 102 -18.82 -3.25 -6.90
CA ARG A 102 -19.62 -3.54 -8.10
C ARG A 102 -19.53 -5.02 -8.42
N GLU A 103 -20.58 -5.59 -8.99
CA GLU A 103 -20.51 -7.01 -9.33
C GLU A 103 -19.76 -7.23 -10.65
N ASP A 104 -19.37 -6.15 -11.33
CA ASP A 104 -18.62 -6.30 -12.58
C ASP A 104 -17.10 -6.13 -12.38
N ALA A 105 -16.64 -6.07 -11.13
CA ALA A 105 -15.20 -5.92 -10.89
C ALA A 105 -14.52 -7.26 -11.01
N ARG A 106 -13.22 -7.26 -11.29
CA ARG A 106 -12.48 -8.51 -11.41
C ARG A 106 -12.15 -9.10 -10.03
N ASP A 107 -12.17 -10.43 -9.93
CA ASP A 107 -11.83 -11.08 -8.68
C ASP A 107 -10.38 -10.69 -8.35
N PHE A 108 -10.15 -10.18 -7.14
CA PHE A 108 -8.81 -9.72 -6.75
C PHE A 108 -7.69 -10.74 -6.83
N ARG A 109 -8.01 -12.04 -6.77
CA ARG A 109 -6.99 -13.08 -6.87
C ARG A 109 -6.54 -13.36 -8.31
N GLU A 110 -7.24 -12.76 -9.27
CA GLU A 110 -6.90 -12.97 -10.68
C GLU A 110 -5.99 -11.87 -11.22
N VAL A 111 -5.49 -11.01 -10.35
CA VAL A 111 -4.58 -9.96 -10.73
C VAL A 111 -3.17 -10.48 -10.48
N ASP A 112 -2.24 -10.09 -11.32
CA ASP A 112 -0.87 -10.49 -11.15
C ASP A 112 -0.18 -9.34 -10.40
N TYR A 113 -0.06 -9.47 -9.08
CA TYR A 113 0.59 -8.43 -8.26
C TYR A 113 2.12 -8.41 -8.32
N THR A 114 2.75 -9.23 -9.15
CA THR A 114 4.21 -9.22 -9.22
C THR A 114 4.68 -8.15 -10.20
N LYS A 115 3.74 -7.55 -10.93
CA LYS A 115 4.02 -6.44 -11.87
C LYS A 115 3.87 -5.14 -11.04
N PRO A 116 4.37 -3.99 -11.52
CA PRO A 116 4.22 -2.76 -10.69
C PRO A 116 2.73 -2.49 -10.51
N THR A 117 2.30 -2.50 -9.25
CA THR A 117 0.88 -2.40 -8.99
C THR A 117 0.60 -1.44 -7.86
N ALA A 118 -0.42 -0.64 -8.07
CA ALA A 118 -0.89 0.28 -7.00
C ALA A 118 -2.38 -0.09 -6.85
N VAL A 119 -2.88 -0.25 -5.62
CA VAL A 119 -4.28 -0.55 -5.43
C VAL A 119 -4.89 0.61 -4.70
N LEU A 120 -5.97 1.14 -5.25
CA LEU A 120 -6.65 2.32 -4.69
C LEU A 120 -7.81 1.87 -3.77
N PHE A 121 -7.94 2.50 -2.59
CA PHE A 121 -9.02 2.17 -1.61
C PHE A 121 -9.77 3.46 -1.31
N GLY A 122 -11.08 3.36 -1.06
CA GLY A 122 -11.89 4.55 -0.86
C GLY A 122 -12.39 4.79 0.54
N ALA A 123 -13.12 5.88 0.66
CA ALA A 123 -13.67 6.31 1.94
C ALA A 123 -14.47 5.24 2.66
N GLU A 124 -14.35 5.19 3.97
CA GLU A 124 -15.07 4.23 4.77
C GLU A 124 -16.58 4.20 4.53
N LYS A 125 -17.21 5.35 4.49
CA LYS A 125 -18.69 5.33 4.35
C LYS A 125 -19.27 5.22 2.95
N TRP A 126 -18.48 5.47 1.93
CA TRP A 126 -19.05 5.47 0.59
C TRP A 126 -18.20 4.95 -0.55
N GLY A 127 -16.99 4.49 -0.21
CA GLY A 127 -16.15 3.87 -1.22
C GLY A 127 -15.41 4.80 -2.17
N VAL A 128 -14.73 4.19 -3.14
CA VAL A 128 -13.97 4.93 -4.16
C VAL A 128 -14.88 5.85 -4.99
N SER A 129 -14.41 7.06 -5.27
CA SER A 129 -15.19 8.03 -6.03
C SER A 129 -15.38 7.64 -7.47
N GLU A 130 -16.40 8.22 -8.11
CA GLU A 130 -16.62 7.92 -9.51
C GLU A 130 -15.40 8.42 -10.26
N GLU A 131 -14.82 9.53 -9.81
CA GLU A 131 -13.64 10.05 -10.50
C GLU A 131 -12.50 9.05 -10.50
N ALA A 132 -12.21 8.51 -9.32
CA ALA A 132 -11.17 7.52 -9.16
C ALA A 132 -11.42 6.29 -10.01
N LEU A 133 -12.67 5.87 -10.14
CA LEU A 133 -12.95 4.68 -10.94
C LEU A 133 -12.68 4.92 -12.42
N ALA A 134 -12.90 6.16 -12.85
CA ALA A 134 -12.67 6.57 -14.24
C ALA A 134 -11.17 6.60 -14.55
N LEU A 135 -10.37 7.07 -13.60
CA LEU A 135 -8.91 7.13 -13.76
C LEU A 135 -8.22 5.75 -13.74
N ALA A 136 -8.72 4.85 -12.89
CA ALA A 136 -8.10 3.55 -12.71
C ALA A 136 -8.03 2.72 -13.97
N ASP A 137 -7.05 1.81 -13.97
CA ASP A 137 -6.88 0.91 -15.09
C ASP A 137 -7.84 -0.27 -15.04
N GLY A 138 -8.47 -0.50 -13.90
CA GLY A 138 -9.42 -1.58 -13.76
C GLY A 138 -9.98 -1.57 -12.35
N ALA A 139 -11.06 -2.32 -12.10
CA ALA A 139 -11.65 -2.39 -10.75
C ALA A 139 -11.53 -3.83 -10.28
N ILE A 140 -11.27 -4.04 -8.99
CA ILE A 140 -11.14 -5.40 -8.49
C ILE A 140 -11.98 -5.51 -7.23
N LYS A 141 -12.39 -6.73 -6.91
CA LYS A 141 -13.25 -6.94 -5.75
C LYS A 141 -12.89 -8.20 -4.96
N ILE A 142 -13.18 -8.17 -3.66
CA ILE A 142 -12.90 -9.33 -2.80
C ILE A 142 -14.28 -10.02 -2.64
N PRO A 143 -14.39 -11.31 -2.94
CA PRO A 143 -15.68 -12.03 -2.80
C PRO A 143 -16.31 -11.89 -1.41
N MET A 144 -17.59 -11.56 -1.38
CA MET A 144 -18.32 -11.41 -0.11
C MET A 144 -19.39 -12.50 -0.16
N LEU A 145 -19.27 -13.50 0.72
CA LEU A 145 -20.19 -14.61 0.71
C LEU A 145 -21.28 -14.57 1.76
N GLY A 146 -21.42 -13.42 2.44
CA GLY A 146 -22.43 -13.31 3.48
C GLY A 146 -23.47 -12.24 3.19
N MET A 147 -24.06 -11.73 4.28
CA MET A 147 -25.08 -10.72 4.16
C MET A 147 -24.55 -9.28 3.99
N VAL A 148 -23.36 -8.97 4.52
CA VAL A 148 -22.88 -7.60 4.38
C VAL A 148 -22.28 -7.38 3.02
N GLN A 149 -22.38 -6.11 2.60
CA GLN A 149 -21.96 -5.64 1.29
C GLN A 149 -20.47 -5.32 1.17
N SER A 150 -19.86 -4.93 2.27
CA SER A 150 -18.43 -4.59 2.21
C SER A 150 -17.66 -4.92 3.46
N LEU A 151 -16.34 -4.90 3.32
CA LEU A 151 -15.43 -5.15 4.43
C LEU A 151 -14.92 -3.80 4.96
N ASN A 152 -14.33 -3.85 6.16
CA ASN A 152 -13.70 -2.63 6.73
C ASN A 152 -12.56 -2.29 5.71
N VAL A 153 -12.28 -1.02 5.46
CA VAL A 153 -11.26 -0.69 4.43
C VAL A 153 -9.85 -1.23 4.72
N SER A 154 -9.44 -1.18 5.98
CA SER A 154 -8.13 -1.67 6.39
C SER A 154 -8.11 -3.18 6.16
N VAL A 155 -9.25 -3.83 6.47
CA VAL A 155 -9.29 -5.24 6.22
C VAL A 155 -9.18 -5.55 4.74
N ALA A 156 -9.90 -4.79 3.91
CA ALA A 156 -9.82 -5.05 2.47
C ALA A 156 -8.39 -4.85 2.01
N ALA A 157 -7.76 -3.80 2.47
CA ALA A 157 -6.37 -3.54 2.05
C ALA A 157 -5.43 -4.71 2.38
N ALA A 158 -5.62 -5.31 3.56
CA ALA A 158 -4.77 -6.42 4.00
C ALA A 158 -5.03 -7.68 3.18
N VAL A 159 -6.29 -7.98 2.91
CA VAL A 159 -6.63 -9.18 2.08
C VAL A 159 -5.95 -9.08 0.74
N ILE A 160 -6.04 -7.93 0.09
CA ILE A 160 -5.38 -7.75 -1.20
C ILE A 160 -3.83 -7.70 -1.07
N LEU A 161 -3.29 -6.92 -0.13
CA LEU A 161 -1.83 -6.84 -0.02
C LEU A 161 -1.19 -8.19 0.38
N PHE A 162 -1.90 -9.03 1.18
CA PHE A 162 -1.26 -10.30 1.54
C PHE A 162 -1.38 -11.31 0.40
N GLU A 163 -2.31 -11.09 -0.56
CA GLU A 163 -2.38 -11.96 -1.75
C GLU A 163 -1.15 -11.48 -2.57
N ALA A 164 -0.87 -10.17 -2.61
CA ALA A 164 0.32 -9.67 -3.32
C ALA A 164 1.58 -10.23 -2.64
N GLN A 165 1.56 -10.27 -1.29
CA GLN A 165 2.71 -10.79 -0.56
C GLN A 165 2.89 -12.27 -0.91
N ARG A 166 1.79 -12.99 -1.02
CA ARG A 166 1.87 -14.44 -1.33
C ARG A 166 2.53 -14.63 -2.70
N GLN A 167 2.00 -13.93 -3.71
CA GLN A 167 2.52 -14.02 -5.09
C GLN A 167 3.98 -13.62 -5.21
N ARG A 168 4.36 -12.51 -4.58
CA ARG A 168 5.73 -12.08 -4.67
C ARG A 168 6.69 -13.03 -3.94
N LEU A 169 6.25 -13.65 -2.84
CA LEU A 169 7.09 -14.61 -2.11
C LEU A 169 7.40 -15.81 -3.05
N LYS A 170 6.37 -16.28 -3.73
CA LYS A 170 6.50 -17.41 -4.67
C LYS A 170 7.38 -17.04 -5.85
N ALA A 171 7.14 -15.87 -6.41
CA ALA A 171 7.90 -15.39 -7.54
C ALA A 171 9.34 -15.09 -7.15
N GLY A 172 9.62 -15.09 -5.85
CA GLY A 172 10.96 -14.82 -5.34
C GLY A 172 11.41 -13.36 -5.29
N LEU A 173 10.46 -12.43 -5.36
CA LEU A 173 10.77 -11.00 -5.34
C LEU A 173 11.40 -10.50 -4.05
N TYR A 174 11.08 -11.15 -2.94
CA TYR A 174 11.65 -10.77 -1.67
C TYR A 174 13.02 -11.39 -1.44
N ASP A 175 13.44 -12.32 -2.31
CA ASP A 175 14.74 -13.00 -2.12
C ASP A 175 15.98 -12.17 -2.43
N ARG A 176 15.83 -11.07 -3.18
CA ARG A 176 16.98 -10.20 -3.48
C ARG A 176 16.46 -8.77 -3.42
N PRO A 177 17.37 -7.82 -3.18
CA PRO A 177 17.03 -6.40 -3.07
C PRO A 177 16.40 -5.91 -4.35
N ARG A 178 15.53 -4.92 -4.25
CA ARG A 178 14.93 -4.37 -5.45
C ARG A 178 14.90 -2.82 -5.41
N LEU A 179 15.87 -2.24 -4.70
CA LEU A 179 16.00 -0.79 -4.62
C LEU A 179 17.36 -0.42 -5.24
N ASP A 180 17.40 0.65 -6.06
CA ASP A 180 18.68 1.03 -6.66
C ASP A 180 19.61 1.45 -5.51
N PRO A 181 20.94 1.49 -5.75
CA PRO A 181 21.85 1.86 -4.68
C PRO A 181 21.60 3.20 -3.97
N GLU A 182 21.25 4.24 -4.71
CA GLU A 182 21.02 5.54 -4.08
C GLU A 182 19.77 5.53 -3.18
N LEU A 183 18.68 4.99 -3.69
CA LEU A 183 17.45 4.90 -2.92
C LEU A 183 17.71 4.06 -1.67
N TYR A 184 18.33 2.90 -1.87
CA TYR A 184 18.65 1.99 -0.78
C TYR A 184 19.46 2.70 0.29
N GLN A 185 20.61 3.23 -0.09
CA GLN A 185 21.47 3.89 0.89
C GLN A 185 20.74 5.06 1.60
N LYS A 186 19.88 5.75 0.87
CA LYS A 186 19.09 6.86 1.39
C LYS A 186 18.03 6.45 2.43
N VAL A 187 17.34 5.34 2.20
CA VAL A 187 16.36 4.92 3.19
C VAL A 187 17.13 4.28 4.35
N LEU A 188 18.21 3.57 4.03
CA LEU A 188 19.02 2.94 5.07
C LEU A 188 19.40 4.05 6.05
N ALA A 189 19.73 5.21 5.49
CA ALA A 189 20.11 6.37 6.29
C ALA A 189 19.06 6.85 7.29
N ASP A 190 17.80 6.93 6.88
CA ASP A 190 16.74 7.38 7.80
C ASP A 190 16.46 6.35 8.86
N TRP A 191 16.16 5.13 8.45
CA TRP A 191 15.86 4.10 9.44
C TRP A 191 16.99 4.04 10.48
P PO4 B . -14.60 1.62 9.81
O1 PO4 B . -15.88 2.25 10.19
O2 PO4 B . -14.79 0.17 9.71
O3 PO4 B . -14.14 2.13 8.51
O4 PO4 B . -13.57 1.93 10.83
P PO4 C . -12.79 14.46 4.86
O1 PO4 C . -12.44 13.09 4.39
O2 PO4 C . -12.52 15.43 3.77
O3 PO4 C . -14.23 14.50 5.21
O4 PO4 C . -11.99 14.80 6.04
N SAM D . -20.13 2.88 1.24
CA SAM D . -19.17 2.13 0.30
C SAM D . -19.96 1.14 -0.42
O SAM D . -20.98 0.68 0.21
OXT SAM D . -19.58 0.82 -1.62
CB SAM D . -18.14 1.49 1.14
CG SAM D . -16.96 0.69 0.75
SD SAM D . -16.01 0.09 2.18
CE SAM D . -16.85 0.62 3.67
C5' SAM D . -14.20 1.06 2.17
C4' SAM D . -13.78 0.79 1.44
O4' SAM D . -13.87 -0.66 1.38
C3' SAM D . -12.93 1.22 0.25
O3' SAM D . -11.65 1.73 0.72
C2' SAM D . -12.84 -0.05 -0.55
O2' SAM D . -11.59 -0.04 -1.13
C1' SAM D . -13.30 -1.25 0.29
N9 SAM D . -13.57 -2.57 0.09
C8 SAM D . -14.47 -3.08 1.06
N7 SAM D . -14.84 -4.27 0.87
C5 SAM D . -14.20 -4.59 -0.28
C6 SAM D . -14.29 -5.83 -1.06
N6 SAM D . -15.07 -6.82 -0.71
N1 SAM D . -13.52 -5.83 -2.18
C2 SAM D . -12.70 -4.76 -2.58
N3 SAM D . -12.61 -3.58 -1.90
C4 SAM D . -13.35 -3.55 -0.79
#